data_8GBF
#
_entry.id   8GBF
#
_cell.length_a   99.297
_cell.length_b   99.297
_cell.length_c   81.609
_cell.angle_alpha   90.000
_cell.angle_beta   90.000
_cell.angle_gamma   120.000
#
_symmetry.space_group_name_H-M   'P 61'
#
loop_
_entity.id
_entity.type
_entity.pdbx_description
1 polymer 'DNA polymerase eta'
2 polymer "DNA (5'-D(P*AP*TP*TP*CP*TP*CP*AP*CP*AP*CP*T)-3')"
3 polymer "DNA (5'-D(*AP*GP*TP*GP*TP*GP*AP*G)-3')"
4 non-polymer '[[(2~{R},3~{S},4~{R},5~{R})-3,4-bis(oxidanyl)-5-(6-oxidanylidene-1~{H}-purin-9-yl)oxolan-2-yl]methoxy-oxidanyl-phosphoryl] phosphono hydrogen phosphate'
5 non-polymer 'CALCIUM ION'
6 water water
#
loop_
_entity_poly.entity_id
_entity_poly.type
_entity_poly.pdbx_seq_one_letter_code
_entity_poly.pdbx_strand_id
1 'polypeptide(L)'
;MATGQDRVVALVDMDCFFVQVEQRQNPHLRNKPCAVVQYKSWKGGGIIAVSYEARAFGVTRSMWADDAKKLCPDLLLAQV
RESRGKANLTKYREASVEVMEIMSRFAVIERASIDEAYVDLTSAVQERLQKLQGQPISADLLPSTYIEGLPQGPTTAEET
VQKEGMRKQGLFQWLDSLQIDNLTSPDLQLTVGAVIVEEMRAAIERETGFQCSAGISHNKVLAKLACGLNKPNRQTLVSH
GSVPQLFSQMPIRKIRSLGGKLGASVIEILGIEYMGELTQFTESQLQSHFGEKNGSWLYAMCRGIEHDPVKPRQLPKTIG
CSKNFPGKTALATREQVQWWLLQLAQELEERLTKDRNDNDRVATQLVVSIRVQGDKRLSSLRRCCALTRYDAHKMSHDAF
TVIKNCNTSGIQTEWSPPLTMLFLCATKFSAS
;
A
2 'polydeoxyribonucleotide' (DC)(DA)(DT)(DT)(DC)(DT)(DC)(DA)(DC)(DA)(DC)(DT) T
3 'polydeoxyribonucleotide' (DA)(DG)(DT)(DG)(DT)(DG)(DA)(DG) P
#
# COMPACT_ATOMS: atom_id res chain seq x y z
N ALA A 2 5.47 -6.32 -28.82
CA ALA A 2 5.52 -5.55 -27.54
C ALA A 2 6.00 -6.46 -26.46
N THR A 3 7.10 -6.09 -25.83
CA THR A 3 7.65 -6.92 -24.78
C THR A 3 7.53 -6.28 -23.40
N GLY A 4 6.77 -5.19 -23.26
CA GLY A 4 6.55 -4.58 -21.95
C GLY A 4 7.83 -4.19 -21.23
N GLN A 5 8.77 -3.57 -21.96
CA GLN A 5 10.08 -3.20 -21.42
C GLN A 5 10.37 -1.72 -21.63
N ASP A 6 9.34 -0.92 -21.90
CA ASP A 6 9.51 0.48 -22.23
C ASP A 6 9.88 1.34 -21.03
N ARG A 7 9.42 1.00 -19.82
CA ARG A 7 9.58 1.84 -18.65
C ARG A 7 10.47 1.17 -17.60
N VAL A 8 10.96 1.98 -16.66
CA VAL A 8 11.54 1.48 -15.43
C VAL A 8 10.68 1.98 -14.28
N VAL A 9 10.12 1.06 -13.50
CA VAL A 9 9.17 1.38 -12.44
C VAL A 9 9.64 0.72 -11.16
N ALA A 10 9.56 1.44 -10.05
CA ALA A 10 9.87 0.87 -8.76
C ALA A 10 8.69 0.99 -7.80
N LEU A 11 8.61 0.06 -6.86
CA LEU A 11 7.66 0.11 -5.76
C LEU A 11 8.47 0.08 -4.48
N VAL A 12 8.30 1.11 -3.64
CA VAL A 12 9.02 1.22 -2.39
C VAL A 12 8.02 1.00 -1.27
N ASP A 13 8.41 0.17 -0.29
CA ASP A 13 7.55 -0.19 0.82
C ASP A 13 8.30 0.02 2.13
N MET A 14 7.80 0.92 2.97
CA MET A 14 8.42 1.13 4.27
C MET A 14 8.21 -0.09 5.15
N ASP A 15 9.30 -0.76 5.50
CA ASP A 15 9.23 -1.95 6.36
C ASP A 15 8.49 -1.66 7.67
N CYS A 16 7.40 -2.39 7.92
CA CYS A 16 6.54 -2.27 9.10
C CYS A 16 6.45 -0.82 9.60
N PHE A 17 5.86 0.04 8.78
CA PHE A 17 6.11 1.47 8.87
C PHE A 17 5.75 2.03 10.24
N PHE A 18 4.54 1.72 10.72
CA PHE A 18 4.07 2.30 11.97
C PHE A 18 4.99 1.92 13.12
N VAL A 19 5.53 0.70 13.09
CA VAL A 19 6.46 0.28 14.13
C VAL A 19 7.73 1.12 14.08
N GLN A 20 8.28 1.31 12.87
CA GLN A 20 9.48 2.13 12.70
C GLN A 20 9.27 3.54 13.24
N VAL A 21 8.10 4.14 12.96
CA VAL A 21 7.83 5.48 13.47
C VAL A 21 7.88 5.48 15.00
N GLU A 22 7.28 4.47 15.63
CA GLU A 22 7.31 4.41 17.10
C GLU A 22 8.70 4.08 17.63
N GLN A 23 9.48 3.28 16.88
CA GLN A 23 10.84 2.96 17.32
C GLN A 23 11.79 4.16 17.19
N ARG A 24 11.62 4.98 16.16
CA ARG A 24 12.44 6.19 16.07
C ARG A 24 12.19 7.09 17.28
N GLN A 25 10.92 7.21 17.67
CA GLN A 25 10.49 8.11 18.74
C GLN A 25 10.85 7.58 20.13
N ASN A 26 10.77 6.26 20.32
CA ASN A 26 11.10 5.60 21.58
C ASN A 26 12.22 4.59 21.35
N PRO A 27 13.48 5.00 21.54
CA PRO A 27 14.62 4.06 21.44
C PRO A 27 14.47 2.74 22.20
N HIS A 28 13.80 2.72 23.36
CA HIS A 28 13.57 1.46 24.08
C HIS A 28 12.96 0.38 23.18
N LEU A 29 12.21 0.77 22.15
CA LEU A 29 11.52 -0.21 21.32
C LEU A 29 12.37 -0.74 20.17
N ARG A 30 13.52 -0.14 19.90
CA ARG A 30 14.31 -0.51 18.72
C ARG A 30 14.89 -1.90 18.85
N ASN A 31 14.95 -2.62 17.73
CA ASN A 31 15.56 -3.96 17.66
C ASN A 31 14.96 -4.91 18.70
N LYS A 32 13.68 -4.73 19.00
CA LYS A 32 12.93 -5.55 19.93
C LYS A 32 11.71 -6.09 19.20
N PRO A 33 11.13 -7.20 19.65
CA PRO A 33 9.82 -7.59 19.11
C PRO A 33 8.76 -6.63 19.62
N CYS A 34 8.12 -5.92 18.71
CA CYS A 34 7.11 -4.96 19.14
C CYS A 34 6.05 -4.81 18.06
N ALA A 35 4.94 -4.20 18.44
CA ALA A 35 3.79 -4.04 17.57
C ALA A 35 3.07 -2.76 17.96
N VAL A 36 2.33 -2.21 17.01
CA VAL A 36 1.52 -1.02 17.24
C VAL A 36 0.06 -1.46 17.28
N VAL A 37 -0.67 -1.00 18.30
CA VAL A 37 -2.05 -1.44 18.54
C VAL A 37 -2.98 -0.23 18.60
N GLN A 38 -4.28 -0.51 18.42
CA GLN A 38 -5.32 0.49 18.64
C GLN A 38 -6.44 -0.11 19.49
N TYR A 39 -7.08 0.74 20.31
CA TYR A 39 -8.20 0.35 21.18
C TYR A 39 -7.78 -0.70 22.23
N LYS A 40 -7.04 -0.23 23.24
CA LYS A 40 -6.47 -1.14 24.24
C LYS A 40 -7.51 -1.97 24.99
N SER A 41 -8.77 -1.55 25.00
CA SER A 41 -9.72 -2.14 25.94
C SER A 41 -10.16 -3.54 25.52
N TRP A 42 -10.44 -3.77 24.24
CA TRP A 42 -10.98 -5.05 23.80
C TRP A 42 -9.81 -5.96 23.44
N LYS A 43 -9.52 -6.92 24.32
CA LYS A 43 -8.51 -7.96 24.10
C LYS A 43 -7.11 -7.37 23.95
N GLY A 44 -6.86 -6.25 24.62
CA GLY A 44 -5.58 -5.58 24.59
C GLY A 44 -5.31 -4.75 23.34
N GLY A 45 -6.26 -4.66 22.43
CA GLY A 45 -6.06 -3.83 21.26
C GLY A 45 -5.82 -4.65 19.99
N GLY A 46 -6.24 -4.10 18.87
CA GLY A 46 -5.98 -4.72 17.57
C GLY A 46 -4.62 -4.29 17.06
N ILE A 47 -3.84 -5.26 16.61
CA ILE A 47 -2.48 -5.02 16.15
C ILE A 47 -2.53 -4.59 14.69
N ILE A 48 -1.90 -3.46 14.37
CA ILE A 48 -1.93 -2.91 13.02
C ILE A 48 -0.56 -2.84 12.37
N ALA A 49 0.50 -3.22 13.06
CA ALA A 49 1.84 -3.28 12.48
C ALA A 49 2.74 -4.07 13.42
N VAL A 50 3.64 -4.87 12.85
CA VAL A 50 4.44 -5.83 13.59
C VAL A 50 5.89 -5.73 13.13
N SER A 51 6.81 -5.59 14.08
CA SER A 51 8.23 -5.61 13.73
C SER A 51 8.65 -7.02 13.31
N TYR A 52 9.78 -7.10 12.60
CA TYR A 52 10.23 -8.39 12.09
C TYR A 52 10.65 -9.33 13.21
N GLU A 53 11.21 -8.79 14.29
CA GLU A 53 11.54 -9.62 15.45
C GLU A 53 10.28 -10.28 16.02
N ALA A 54 9.13 -9.59 15.99
CA ALA A 54 7.91 -10.20 16.51
C ALA A 54 7.30 -11.18 15.50
N ARG A 55 7.43 -10.89 14.20
CA ARG A 55 6.88 -11.82 13.19
C ARG A 55 7.55 -13.19 13.29
N ALA A 56 8.77 -13.27 13.80
CA ALA A 56 9.41 -14.58 13.95
C ALA A 56 8.75 -15.45 15.01
N PHE A 57 7.98 -14.86 15.94
CA PHE A 57 7.19 -15.63 16.88
C PHE A 57 5.80 -15.97 16.35
N GLY A 58 5.45 -15.49 15.15
CA GLY A 58 4.14 -15.68 14.57
C GLY A 58 3.15 -14.54 14.75
N VAL A 59 3.55 -13.44 15.38
CA VAL A 59 2.65 -12.29 15.54
C VAL A 59 2.37 -11.68 14.17
N THR A 60 1.08 -11.44 13.87
CA THR A 60 0.71 -10.82 12.59
C THR A 60 -0.24 -9.65 12.87
N ARG A 61 -0.54 -8.90 11.81
CA ARG A 61 -1.61 -7.93 11.85
C ARG A 61 -2.95 -8.63 12.07
N SER A 62 -3.94 -7.87 12.56
CA SER A 62 -5.30 -8.35 12.82
C SER A 62 -5.42 -9.26 14.02
N MET A 63 -4.31 -9.68 14.61
CA MET A 63 -4.37 -10.34 15.90
C MET A 63 -4.79 -9.35 16.99
N TRP A 64 -5.37 -9.89 18.06
CA TRP A 64 -5.50 -9.14 19.30
C TRP A 64 -4.17 -9.17 20.05
N ALA A 65 -3.83 -8.06 20.71
CA ALA A 65 -2.57 -8.03 21.46
C ALA A 65 -2.53 -9.11 22.54
N ASP A 66 -3.67 -9.37 23.19
CA ASP A 66 -3.70 -10.46 24.17
C ASP A 66 -3.30 -11.78 23.54
N ASP A 67 -3.80 -12.07 22.32
CA ASP A 67 -3.43 -13.30 21.62
C ASP A 67 -1.97 -13.28 21.18
N ALA A 68 -1.48 -12.12 20.73
CA ALA A 68 -0.08 -12.05 20.30
C ALA A 68 0.88 -12.30 21.45
N LYS A 69 0.52 -11.87 22.65
CA LYS A 69 1.36 -12.08 23.83
C LYS A 69 1.46 -13.56 24.19
N LYS A 70 0.46 -14.37 23.80
CA LYS A 70 0.54 -15.81 23.99
C LYS A 70 1.61 -16.43 23.10
N LEU A 71 1.72 -15.95 21.86
CA LEU A 71 2.80 -16.37 20.97
C LEU A 71 4.15 -15.76 21.36
N CYS A 72 4.14 -14.54 21.89
CA CYS A 72 5.38 -13.78 22.11
C CYS A 72 5.30 -13.02 23.42
N PRO A 73 5.65 -13.68 24.54
CA PRO A 73 5.41 -13.06 25.87
C PRO A 73 6.20 -11.80 26.13
N ASP A 74 7.32 -11.57 25.46
CA ASP A 74 8.09 -10.33 25.68
C ASP A 74 7.71 -9.23 24.69
N LEU A 75 6.59 -9.36 23.99
CA LEU A 75 6.19 -8.38 22.99
C LEU A 75 5.98 -7.01 23.63
N LEU A 76 6.62 -5.99 23.06
CA LEU A 76 6.41 -4.61 23.47
C LEU A 76 5.37 -3.96 22.56
N LEU A 77 4.58 -3.05 23.12
CA LEU A 77 3.45 -2.46 22.41
C LEU A 77 3.53 -0.94 22.51
N ALA A 78 3.27 -0.27 21.40
CA ALA A 78 2.98 1.16 21.40
C ALA A 78 1.56 1.31 20.90
N GLN A 79 0.82 2.25 21.45
CA GLN A 79 -0.58 2.35 21.09
C GLN A 79 -0.81 3.63 20.29
N VAL A 80 -1.74 3.54 19.34
CA VAL A 80 -1.98 4.66 18.45
C VAL A 80 -2.64 5.78 19.26
N ARG A 81 -2.36 7.02 18.87
CA ARG A 81 -3.06 8.16 19.45
C ARG A 81 -4.56 8.02 19.18
N GLU A 82 -5.36 8.39 20.18
CA GLU A 82 -6.82 8.38 20.08
C GLU A 82 -7.34 9.79 20.23
N SER A 83 -8.18 10.23 19.28
CA SER A 83 -8.84 11.52 19.38
C SER A 83 -10.33 11.31 19.16
N ARG A 84 -11.15 11.88 20.04
CA ARG A 84 -12.61 11.81 19.93
C ARG A 84 -13.09 10.39 19.71
N GLY A 85 -12.54 9.47 20.51
CA GLY A 85 -12.98 8.09 20.50
C GLY A 85 -12.58 7.28 19.29
N LYS A 86 -11.59 7.72 18.52
CA LYS A 86 -11.19 6.92 17.38
C LYS A 86 -9.68 7.03 17.17
N ALA A 87 -9.13 6.01 16.53
CA ALA A 87 -7.69 5.98 16.28
C ALA A 87 -7.29 7.11 15.36
N ASN A 88 -6.18 7.77 15.69
CA ASN A 88 -5.74 8.97 14.98
C ASN A 88 -4.36 8.70 14.39
N LEU A 89 -4.28 8.71 13.06
CA LEU A 89 -3.09 8.25 12.35
C LEU A 89 -2.17 9.41 11.95
N THR A 90 -2.36 10.59 12.53
CA THR A 90 -1.67 11.79 12.06
C THR A 90 -0.16 11.63 12.08
N LYS A 91 0.39 11.05 13.16
CA LYS A 91 1.83 10.90 13.28
C LYS A 91 2.40 10.09 12.13
N TYR A 92 1.69 9.04 11.71
CA TYR A 92 2.17 8.18 10.63
C TYR A 92 1.98 8.87 9.29
N ARG A 93 0.88 9.61 9.12
CA ARG A 93 0.70 10.41 7.92
C ARG A 93 1.81 11.44 7.78
N GLU A 94 2.13 12.15 8.87
CA GLU A 94 3.18 13.15 8.79
C GLU A 94 4.53 12.51 8.48
N ALA A 95 4.82 11.34 9.07
CA ALA A 95 6.06 10.65 8.74
C ALA A 95 6.08 10.21 7.28
N SER A 96 4.92 9.83 6.75
CA SER A 96 4.83 9.46 5.34
C SER A 96 5.20 10.62 4.44
N VAL A 97 4.73 11.82 4.78
CA VAL A 97 5.02 12.98 3.96
C VAL A 97 6.53 13.29 3.98
N GLU A 98 7.20 13.11 5.13
CA GLU A 98 8.65 13.15 5.20
C GLU A 98 9.27 12.31 4.08
N VAL A 99 8.87 11.04 3.99
CA VAL A 99 9.53 10.10 3.10
C VAL A 99 9.21 10.42 1.65
N MET A 100 7.94 10.70 1.36
CA MET A 100 7.53 10.99 -0.02
C MET A 100 8.24 12.23 -0.56
N GLU A 101 8.44 13.25 0.29
CA GLU A 101 9.11 14.45 -0.17
C GLU A 101 10.56 14.15 -0.57
N ILE A 102 11.23 13.26 0.18
CA ILE A 102 12.57 12.83 -0.22
C ILE A 102 12.52 12.09 -1.56
N MET A 103 11.63 11.11 -1.69
CA MET A 103 11.56 10.33 -2.93
C MET A 103 11.36 11.24 -4.14
N SER A 104 10.57 12.31 -3.97
CA SER A 104 10.22 13.20 -5.08
C SER A 104 11.42 13.94 -5.63
N ARG A 105 12.56 13.95 -4.91
CA ARG A 105 13.77 14.56 -5.45
C ARG A 105 14.38 13.73 -6.56
N PHE A 106 14.14 12.42 -6.54
CA PHE A 106 14.76 11.49 -7.47
C PHE A 106 13.92 11.21 -8.70
N ALA A 107 12.60 11.14 -8.56
CA ALA A 107 11.73 10.81 -9.68
C ALA A 107 10.32 11.18 -9.30
N VAL A 108 9.41 11.06 -10.26
CA VAL A 108 8.01 11.34 -10.00
C VAL A 108 7.37 10.14 -9.34
N ILE A 109 6.55 10.39 -8.35
CA ILE A 109 6.06 9.29 -7.53
C ILE A 109 4.54 9.32 -7.49
N GLU A 110 3.97 8.12 -7.41
CA GLU A 110 2.57 7.93 -7.11
C GLU A 110 2.46 7.31 -5.71
N ARG A 111 1.91 8.07 -4.77
CA ARG A 111 1.53 7.53 -3.47
C ARG A 111 0.49 6.43 -3.63
N ALA A 112 0.80 5.22 -3.17
CA ALA A 112 -0.17 4.13 -3.23
C ALA A 112 -0.92 3.90 -1.92
N SER A 113 -0.33 4.28 -0.80
CA SER A 113 -0.92 4.10 0.53
C SER A 113 -0.04 4.90 1.48
N ILE A 114 -0.33 4.81 2.78
CA ILE A 114 0.43 5.58 3.74
C ILE A 114 1.92 5.18 3.75
N ASP A 115 2.25 3.97 3.30
CA ASP A 115 3.63 3.50 3.35
C ASP A 115 4.14 2.85 2.05
N GLU A 116 3.45 3.04 0.93
CA GLU A 116 4.02 2.62 -0.35
C GLU A 116 3.86 3.73 -1.37
N ALA A 117 4.81 3.75 -2.30
CA ALA A 117 4.84 4.68 -3.42
C ALA A 117 5.43 3.94 -4.61
N TYR A 118 4.78 4.07 -5.76
CA TYR A 118 5.37 3.70 -7.03
C TYR A 118 6.24 4.85 -7.53
N VAL A 119 7.30 4.48 -8.23
CA VAL A 119 8.30 5.43 -8.72
C VAL A 119 8.51 5.17 -10.20
N ASP A 120 8.39 6.22 -11.01
CA ASP A 120 8.69 6.13 -12.43
C ASP A 120 10.11 6.65 -12.67
N LEU A 121 11.02 5.74 -13.01
CA LEU A 121 12.45 6.03 -13.13
C LEU A 121 12.93 6.17 -14.56
N THR A 122 12.06 6.02 -15.56
CA THR A 122 12.49 5.98 -16.95
C THR A 122 13.37 7.17 -17.33
N SER A 123 12.87 8.39 -17.10
CA SER A 123 13.65 9.57 -17.49
C SER A 123 14.88 9.76 -16.60
N ALA A 124 14.74 9.50 -15.30
CA ALA A 124 15.90 9.58 -14.42
C ALA A 124 16.99 8.61 -14.86
N VAL A 125 16.61 7.39 -15.27
CA VAL A 125 17.57 6.42 -15.76
C VAL A 125 18.27 6.97 -17.00
N GLN A 126 17.49 7.50 -17.94
CA GLN A 126 18.07 8.00 -19.20
C GLN A 126 19.15 9.03 -18.93
N GLU A 127 18.87 10.01 -18.05
CA GLU A 127 19.89 11.00 -17.72
C GLU A 127 21.09 10.39 -17.02
N ARG A 128 20.87 9.40 -16.15
CA ARG A 128 21.99 8.76 -15.48
C ARG A 128 22.83 7.91 -16.44
N LEU A 129 22.26 7.48 -17.58
CA LEU A 129 23.04 6.68 -18.54
C LEU A 129 23.91 7.55 -19.45
N GLN A 130 23.54 8.82 -19.66
CA GLN A 130 24.40 9.72 -20.42
C GLN A 130 25.51 10.30 -19.57
N LYS A 131 25.25 10.56 -18.29
CA LYS A 131 26.31 10.98 -17.38
C LYS A 131 27.34 9.87 -17.17
N LEU A 132 27.00 8.63 -17.51
CA LEU A 132 27.84 7.48 -17.20
C LEU A 132 28.71 7.04 -18.38
N GLN A 133 28.98 7.94 -19.33
CA GLN A 133 29.99 7.73 -20.38
C GLN A 133 29.81 6.40 -21.11
N GLY A 134 29.93 5.29 -20.38
CA GLY A 134 29.84 3.96 -20.93
C GLY A 134 30.61 3.01 -20.04
N GLN A 135 30.88 3.48 -18.81
CA GLN A 135 31.74 2.80 -17.86
C GLN A 135 30.96 1.77 -17.06
N PRO A 136 31.63 0.72 -16.58
CA PRO A 136 30.91 -0.39 -15.96
C PRO A 136 30.22 0.07 -14.68
N ILE A 137 29.13 -0.61 -14.36
CA ILE A 137 28.48 -0.44 -13.07
C ILE A 137 29.13 -1.40 -12.09
N SER A 138 29.73 -0.84 -11.04
CA SER A 138 30.36 -1.62 -9.99
C SER A 138 29.31 -2.28 -9.09
N ALA A 139 29.66 -3.46 -8.57
CA ALA A 139 28.80 -4.11 -7.59
C ALA A 139 28.64 -3.28 -6.32
N ASP A 140 29.59 -2.36 -6.08
CA ASP A 140 29.53 -1.45 -4.95
C ASP A 140 28.39 -0.44 -5.06
N LEU A 141 27.90 -0.18 -6.27
CA LEU A 141 26.76 0.71 -6.42
C LEU A 141 25.45 0.02 -6.09
N LEU A 142 25.47 -1.29 -5.83
CA LEU A 142 24.25 -2.06 -5.56
C LEU A 142 24.42 -2.90 -4.30
N PRO A 143 24.69 -2.27 -3.14
CA PRO A 143 25.06 -3.06 -1.95
C PRO A 143 23.91 -3.82 -1.30
N SER A 144 22.65 -3.58 -1.69
CA SER A 144 21.52 -4.28 -1.07
C SER A 144 20.57 -4.85 -2.11
N THR A 145 21.03 -4.96 -3.37
CA THR A 145 20.21 -5.40 -4.49
C THR A 145 20.34 -6.90 -4.73
N TYR A 146 19.20 -7.59 -4.84
CA TYR A 146 19.13 -8.98 -5.29
C TYR A 146 18.68 -9.01 -6.75
N ILE A 147 19.26 -9.90 -7.55
CA ILE A 147 18.81 -10.11 -8.92
C ILE A 147 17.95 -11.37 -8.93
N GLU A 148 16.65 -11.24 -9.19
CA GLU A 148 15.79 -12.41 -9.09
C GLU A 148 16.20 -13.46 -10.13
N GLY A 149 16.23 -14.72 -9.70
CA GLY A 149 16.59 -15.83 -10.57
C GLY A 149 18.07 -16.15 -10.63
N LEU A 150 18.93 -15.34 -10.00
CA LEU A 150 20.37 -15.52 -9.94
C LEU A 150 20.84 -15.67 -8.49
N PRO A 151 21.92 -16.41 -8.24
CA PRO A 151 22.78 -17.07 -9.22
C PRO A 151 22.15 -18.35 -9.71
N GLN A 152 22.60 -18.81 -10.86
CA GLN A 152 22.19 -20.10 -11.40
C GLN A 152 23.42 -20.78 -11.98
N GLY A 153 23.24 -22.04 -12.38
CA GLY A 153 24.22 -22.73 -13.20
C GLY A 153 25.31 -23.45 -12.44
N PRO A 154 26.26 -24.03 -13.19
CA PRO A 154 27.47 -24.67 -12.68
C PRO A 154 28.53 -23.67 -12.19
N THR A 160 27.21 -20.92 -2.24
CA THR A 160 27.49 -20.43 -0.89
C THR A 160 26.32 -20.80 0.05
N VAL A 161 26.63 -20.98 1.33
CA VAL A 161 25.62 -21.42 2.29
C VAL A 161 25.03 -20.28 3.11
N GLN A 162 25.42 -19.03 2.84
CA GLN A 162 24.92 -17.88 3.59
C GLN A 162 24.27 -16.86 2.66
N LYS A 163 23.28 -16.14 3.19
CA LYS A 163 22.38 -15.32 2.37
C LYS A 163 23.16 -14.27 1.58
N GLU A 164 24.03 -13.52 2.26
CA GLU A 164 24.77 -12.45 1.59
C GLU A 164 25.73 -13.00 0.54
N GLY A 165 26.24 -14.22 0.73
CA GLY A 165 27.06 -14.83 -0.31
C GLY A 165 26.29 -15.04 -1.59
N MET A 166 25.09 -15.60 -1.49
CA MET A 166 24.24 -15.79 -2.67
C MET A 166 23.94 -14.47 -3.37
N ARG A 167 23.61 -13.42 -2.61
CA ARG A 167 23.26 -12.16 -3.24
C ARG A 167 24.39 -11.66 -4.13
N LYS A 168 25.62 -11.65 -3.58
CA LYS A 168 26.78 -11.15 -4.33
C LYS A 168 27.07 -12.01 -5.55
N GLN A 169 26.88 -13.32 -5.44
CA GLN A 169 27.12 -14.18 -6.60
C GLN A 169 26.09 -13.90 -7.69
N GLY A 170 24.82 -13.76 -7.29
CA GLY A 170 23.80 -13.38 -8.25
C GLY A 170 24.13 -12.07 -8.91
N LEU A 171 24.51 -11.07 -8.11
CA LEU A 171 24.82 -9.75 -8.65
C LEU A 171 26.05 -9.78 -9.55
N PHE A 172 27.09 -10.50 -9.13
CA PHE A 172 28.27 -10.65 -9.99
C PHE A 172 27.90 -11.21 -11.36
N GLN A 173 27.17 -12.33 -11.41
CA GLN A 173 26.79 -12.91 -12.69
C GLN A 173 25.97 -11.94 -13.51
N TRP A 174 25.04 -11.21 -12.87
CA TRP A 174 24.26 -10.19 -13.58
C TRP A 174 25.19 -9.16 -14.21
N LEU A 175 26.03 -8.52 -13.37
CA LEU A 175 26.86 -7.43 -13.86
C LEU A 175 27.88 -7.93 -14.89
N ASP A 176 28.46 -9.11 -14.65
CA ASP A 176 29.44 -9.65 -15.59
C ASP A 176 28.85 -9.77 -17.00
N SER A 177 27.59 -10.19 -17.12
CA SER A 177 27.02 -10.35 -18.44
C SER A 177 26.30 -9.09 -18.94
N LEU A 178 26.40 -7.97 -18.23
CA LEU A 178 25.69 -6.77 -18.63
C LEU A 178 26.37 -6.08 -19.81
N GLN A 179 25.55 -5.63 -20.75
CA GLN A 179 26.02 -5.02 -21.99
C GLN A 179 25.96 -3.49 -21.87
N ILE A 180 27.01 -2.91 -21.29
CA ILE A 180 27.01 -1.49 -20.96
C ILE A 180 27.11 -0.59 -22.20
N ASP A 181 27.56 -1.13 -23.34
CA ASP A 181 27.80 -0.33 -24.55
C ASP A 181 26.53 0.01 -25.33
N ASN A 182 25.39 -0.57 -24.98
CA ASN A 182 24.10 -0.36 -25.63
C ASN A 182 23.16 0.34 -24.64
N LEU A 183 22.98 1.65 -24.82
CA LEU A 183 22.20 2.52 -23.93
C LEU A 183 20.69 2.27 -24.02
N THR A 184 20.25 1.27 -24.79
CA THR A 184 18.84 0.94 -24.97
C THR A 184 18.47 -0.47 -24.51
N SER A 185 19.40 -1.27 -24.02
CA SER A 185 19.05 -2.58 -23.45
C SER A 185 18.18 -2.40 -22.22
N PRO A 186 16.96 -2.98 -22.19
CA PRO A 186 16.14 -2.90 -20.97
C PRO A 186 16.80 -3.44 -19.71
N ASP A 187 17.63 -4.48 -19.80
CA ASP A 187 18.33 -4.95 -18.61
C ASP A 187 19.25 -3.88 -18.04
N LEU A 188 19.97 -3.19 -18.90
CA LEU A 188 20.83 -2.10 -18.44
C LEU A 188 20.00 -0.99 -17.82
N GLN A 189 18.84 -0.70 -18.41
CA GLN A 189 18.00 0.35 -17.87
C GLN A 189 17.49 -0.01 -16.47
N LEU A 190 17.04 -1.27 -16.27
CA LEU A 190 16.69 -1.74 -14.94
C LEU A 190 17.84 -1.56 -13.94
N THR A 191 19.05 -1.94 -14.34
CA THR A 191 20.21 -1.87 -13.44
C THR A 191 20.47 -0.44 -12.99
N VAL A 192 20.48 0.50 -13.94
CA VAL A 192 20.61 1.90 -13.58
C VAL A 192 19.44 2.30 -12.68
N GLY A 193 18.22 1.90 -13.03
CA GLY A 193 17.10 2.15 -12.14
C GLY A 193 17.39 1.69 -10.73
N ALA A 194 18.01 0.51 -10.58
CA ALA A 194 18.30 -0.04 -9.27
C ALA A 194 19.38 0.77 -8.54
N VAL A 195 20.36 1.30 -9.28
CA VAL A 195 21.34 2.20 -8.66
C VAL A 195 20.65 3.44 -8.10
N ILE A 196 19.69 4.01 -8.84
CA ILE A 196 19.01 5.20 -8.35
C ILE A 196 18.18 4.87 -7.10
N VAL A 197 17.61 3.66 -7.01
CA VAL A 197 16.76 3.33 -5.88
C VAL A 197 17.59 3.03 -4.63
N GLU A 198 18.78 2.46 -4.80
CA GLU A 198 19.75 2.41 -3.69
C GLU A 198 20.02 3.79 -3.11
N GLU A 199 20.23 4.77 -4.01
CA GLU A 199 20.54 6.13 -3.59
C GLU A 199 19.34 6.77 -2.90
N MET A 200 18.15 6.59 -3.48
CA MET A 200 16.93 7.10 -2.85
C MET A 200 16.72 6.45 -1.49
N ARG A 201 16.93 5.14 -1.41
CA ARG A 201 16.77 4.44 -0.13
C ARG A 201 17.84 4.89 0.87
N ALA A 202 19.06 5.19 0.40
CA ALA A 202 20.09 5.71 1.30
C ALA A 202 19.68 7.07 1.85
N ALA A 203 19.11 7.92 0.99
CA ALA A 203 18.70 9.25 1.40
C ALA A 203 17.53 9.19 2.39
N ILE A 204 16.55 8.32 2.13
CA ILE A 204 15.45 8.17 3.06
C ILE A 204 15.97 7.79 4.45
N GLU A 205 16.86 6.79 4.51
CA GLU A 205 17.35 6.36 5.81
C GLU A 205 18.20 7.44 6.48
N ARG A 206 19.08 8.11 5.74
CA ARG A 206 19.89 9.16 6.36
C ARG A 206 19.01 10.27 6.92
N GLU A 207 18.00 10.69 6.16
CA GLU A 207 17.27 11.90 6.47
C GLU A 207 16.04 11.67 7.34
N THR A 208 15.62 10.41 7.53
CA THR A 208 14.51 10.10 8.40
C THR A 208 14.82 9.02 9.43
N GLY A 209 15.86 8.21 9.21
CA GLY A 209 16.07 7.02 9.99
C GLY A 209 15.25 5.80 9.55
N PHE A 210 14.38 5.94 8.55
CA PHE A 210 13.49 4.86 8.19
C PHE A 210 14.17 3.96 7.15
N GLN A 211 13.96 2.65 7.30
CA GLN A 211 14.40 1.64 6.35
C GLN A 211 13.23 1.20 5.49
N CYS A 212 13.52 0.72 4.28
CA CYS A 212 12.45 0.29 3.38
C CYS A 212 12.97 -0.76 2.42
N SER A 213 12.04 -1.44 1.78
CA SER A 213 12.35 -2.38 0.70
C SER A 213 11.83 -1.81 -0.61
N ALA A 214 12.31 -2.36 -1.73
CA ALA A 214 11.93 -1.84 -3.04
C ALA A 214 11.96 -2.96 -4.07
N GLY A 215 11.04 -2.91 -5.03
CA GLY A 215 11.12 -3.73 -6.23
C GLY A 215 11.40 -2.84 -7.43
N ILE A 216 12.27 -3.33 -8.33
CA ILE A 216 12.57 -2.63 -9.58
C ILE A 216 12.25 -3.55 -10.74
N SER A 217 11.37 -3.11 -11.63
CA SER A 217 11.05 -3.89 -12.80
C SER A 217 10.50 -2.93 -13.86
N HIS A 218 9.75 -3.46 -14.83
CA HIS A 218 9.27 -2.68 -15.97
C HIS A 218 7.82 -2.20 -15.82
N ASN A 219 7.15 -2.57 -14.73
CA ASN A 219 5.78 -2.11 -14.50
C ASN A 219 5.45 -2.26 -13.02
N LYS A 220 4.29 -1.72 -12.64
CA LYS A 220 3.88 -1.68 -11.23
C LYS A 220 3.69 -3.07 -10.66
N VAL A 221 3.08 -3.97 -11.43
CA VAL A 221 2.76 -5.30 -10.90
C VAL A 221 4.04 -6.08 -10.62
N LEU A 222 4.97 -6.14 -11.58
CA LEU A 222 6.22 -6.83 -11.30
C LEU A 222 7.04 -6.10 -10.23
N ALA A 223 7.02 -4.76 -10.20
CA ALA A 223 7.75 -4.03 -9.18
C ALA A 223 7.22 -4.35 -7.78
N LYS A 224 5.91 -4.41 -7.64
CA LYS A 224 5.28 -4.74 -6.37
C LYS A 224 5.63 -6.18 -5.95
N LEU A 225 5.55 -7.12 -6.90
CA LEU A 225 5.87 -8.51 -6.61
C LEU A 225 7.33 -8.66 -6.19
N ALA A 226 8.23 -8.02 -6.95
CA ALA A 226 9.66 -8.01 -6.64
C ALA A 226 9.93 -7.48 -5.23
N CYS A 227 9.32 -6.33 -4.90
CA CYS A 227 9.55 -5.72 -3.58
C CYS A 227 9.42 -6.73 -2.43
N GLY A 228 8.43 -7.62 -2.52
CA GLY A 228 8.17 -8.62 -1.48
C GLY A 228 9.10 -9.81 -1.47
N LEU A 229 10.07 -9.89 -2.38
CA LEU A 229 10.88 -11.09 -2.49
C LEU A 229 12.05 -11.11 -1.50
N ASN A 230 12.52 -9.96 -1.04
CA ASN A 230 13.69 -9.95 -0.15
C ASN A 230 13.54 -8.88 0.94
N LYS A 231 12.45 -8.93 1.68
CA LYS A 231 12.24 -7.99 2.77
C LYS A 231 12.96 -8.49 4.03
N PRO A 232 13.36 -7.58 4.95
CA PRO A 232 13.33 -6.11 5.05
C PRO A 232 14.64 -5.45 4.65
N ASN A 233 14.59 -4.15 4.33
CA ASN A 233 15.78 -3.36 4.05
C ASN A 233 16.57 -3.90 2.85
N ARG A 234 15.92 -4.56 1.91
CA ARG A 234 16.58 -5.01 0.69
C ARG A 234 15.77 -4.59 -0.53
N GLN A 235 16.40 -4.66 -1.71
CA GLN A 235 15.69 -4.38 -2.95
C GLN A 235 16.01 -5.46 -3.97
N THR A 236 15.02 -5.73 -4.82
CA THR A 236 15.07 -6.83 -5.77
C THR A 236 14.77 -6.31 -7.17
N LEU A 237 15.61 -6.69 -8.12
CA LEU A 237 15.42 -6.37 -9.53
C LEU A 237 14.80 -7.59 -10.22
N VAL A 238 13.62 -7.41 -10.81
CA VAL A 238 12.96 -8.46 -11.58
C VAL A 238 13.02 -8.07 -13.05
N SER A 239 13.87 -8.75 -13.82
CA SER A 239 14.04 -8.46 -15.23
C SER A 239 12.97 -9.17 -16.06
N HIS A 240 12.78 -8.68 -17.29
CA HIS A 240 11.80 -9.31 -18.18
C HIS A 240 12.14 -10.79 -18.39
N GLY A 241 13.44 -11.11 -18.48
CA GLY A 241 13.85 -12.49 -18.73
C GLY A 241 13.57 -13.42 -17.57
N SER A 242 13.50 -12.88 -16.35
CA SER A 242 13.22 -13.69 -15.15
C SER A 242 11.76 -14.10 -15.03
N VAL A 243 10.85 -13.56 -15.84
CA VAL A 243 9.42 -13.74 -15.59
C VAL A 243 8.95 -15.19 -15.80
N PRO A 244 9.33 -15.90 -16.87
CA PRO A 244 8.82 -17.29 -17.01
C PRO A 244 9.17 -18.19 -15.84
N GLN A 245 10.43 -18.21 -15.38
CA GLN A 245 10.73 -19.05 -14.23
C GLN A 245 10.01 -18.54 -12.98
N LEU A 246 9.97 -17.23 -12.78
CA LEU A 246 9.32 -16.69 -11.58
C LEU A 246 7.82 -17.01 -11.57
N PHE A 247 7.15 -16.84 -12.71
CA PHE A 247 5.70 -17.09 -12.74
C PHE A 247 5.35 -18.58 -12.75
N SER A 248 6.28 -19.46 -13.07
CA SER A 248 5.94 -20.87 -13.30
C SER A 248 5.42 -21.54 -12.03
N GLN A 249 5.84 -21.07 -10.84
CA GLN A 249 5.33 -21.55 -9.55
C GLN A 249 4.76 -20.42 -8.71
N MET A 250 4.35 -19.32 -9.33
CA MET A 250 3.90 -18.19 -8.53
C MET A 250 2.39 -18.28 -8.44
N PRO A 251 1.83 -18.45 -7.24
CA PRO A 251 0.37 -18.57 -7.14
C PRO A 251 -0.31 -17.33 -7.69
N ILE A 252 -1.42 -17.57 -8.38
CA ILE A 252 -2.16 -16.51 -9.05
C ILE A 252 -2.51 -15.38 -8.08
N ARG A 253 -2.86 -15.73 -6.85
CA ARG A 253 -3.40 -14.75 -5.90
C ARG A 253 -2.36 -13.76 -5.42
N LYS A 254 -1.07 -14.01 -5.67
CA LYS A 254 0.01 -13.08 -5.29
C LYS A 254 0.12 -11.87 -6.20
N ILE A 255 -0.50 -11.89 -7.38
CA ILE A 255 -0.35 -10.81 -8.36
C ILE A 255 -1.36 -9.73 -8.04
N ARG A 256 -0.91 -8.46 -8.04
CA ARG A 256 -1.79 -7.36 -7.64
C ARG A 256 -3.05 -7.36 -8.49
N SER A 257 -4.19 -7.37 -7.81
CA SER A 257 -5.59 -7.31 -8.28
C SER A 257 -6.16 -8.72 -8.45
N LEU A 258 -5.38 -9.77 -8.20
CA LEU A 258 -5.87 -11.14 -8.30
C LEU A 258 -5.99 -11.81 -6.94
N GLY A 259 -5.82 -11.06 -5.84
CA GLY A 259 -5.94 -11.61 -4.50
C GLY A 259 -7.36 -11.84 -4.01
N GLY A 260 -8.39 -11.59 -4.82
CA GLY A 260 -9.76 -11.70 -4.38
C GLY A 260 -10.62 -12.64 -5.21
N LYS A 261 -11.86 -12.24 -5.49
CA LYS A 261 -12.79 -13.10 -6.23
C LYS A 261 -12.34 -13.35 -7.68
N LEU A 262 -11.84 -12.32 -8.36
CA LEU A 262 -11.42 -12.53 -9.75
C LEU A 262 -10.30 -13.56 -9.82
N GLY A 263 -9.31 -13.44 -8.93
CA GLY A 263 -8.23 -14.42 -8.90
C GLY A 263 -8.74 -15.82 -8.61
N ALA A 264 -9.68 -15.94 -7.67
CA ALA A 264 -10.24 -17.25 -7.34
C ALA A 264 -10.94 -17.87 -8.55
N SER A 265 -11.62 -17.03 -9.34
CA SER A 265 -12.37 -17.63 -10.44
C SER A 265 -11.46 -17.89 -11.63
N VAL A 266 -10.34 -17.15 -11.76
CA VAL A 266 -9.30 -17.56 -12.70
C VAL A 266 -8.83 -18.98 -12.36
N ILE A 267 -8.59 -19.23 -11.08
CA ILE A 267 -8.13 -20.56 -10.63
C ILE A 267 -9.21 -21.61 -10.93
N GLU A 268 -10.44 -21.33 -10.52
CA GLU A 268 -11.52 -22.32 -10.57
C GLU A 268 -11.98 -22.59 -12.00
N ILE A 269 -12.15 -21.54 -12.81
CA ILE A 269 -12.68 -21.74 -14.15
C ILE A 269 -11.62 -22.36 -15.06
N LEU A 270 -10.38 -21.89 -14.98
CA LEU A 270 -9.37 -22.43 -15.86
C LEU A 270 -8.69 -23.68 -15.33
N GLY A 271 -8.87 -23.99 -14.03
CA GLY A 271 -8.27 -25.19 -13.44
C GLY A 271 -6.77 -25.11 -13.35
N ILE A 272 -6.22 -23.96 -12.92
CA ILE A 272 -4.79 -23.73 -12.86
C ILE A 272 -4.46 -23.13 -11.49
N GLU A 273 -3.17 -23.10 -11.16
CA GLU A 273 -2.68 -22.63 -9.87
C GLU A 273 -1.66 -21.52 -9.96
N TYR A 274 -0.85 -21.46 -11.03
CA TYR A 274 0.25 -20.53 -11.10
C TYR A 274 0.10 -19.57 -12.27
N MET A 275 0.69 -18.38 -12.11
CA MET A 275 0.53 -17.30 -13.06
C MET A 275 0.97 -17.74 -14.47
N GLY A 276 2.04 -18.55 -14.56
CA GLY A 276 2.57 -18.89 -15.87
C GLY A 276 1.68 -19.77 -16.71
N GLU A 277 0.83 -20.58 -16.06
CA GLU A 277 -0.13 -21.43 -16.77
C GLU A 277 -1.15 -20.63 -17.57
N LEU A 278 -1.27 -19.32 -17.32
CA LEU A 278 -2.17 -18.51 -18.11
C LEU A 278 -1.71 -18.34 -19.56
N THR A 279 -0.43 -18.54 -19.85
CA THR A 279 0.08 -18.31 -21.21
C THR A 279 -0.49 -19.28 -22.23
N GLN A 280 -1.04 -20.41 -21.80
CA GLN A 280 -1.49 -21.38 -22.79
C GLN A 280 -2.86 -21.04 -23.39
N PHE A 281 -3.50 -19.96 -22.97
CA PHE A 281 -4.83 -19.60 -23.43
C PHE A 281 -4.75 -18.42 -24.40
N THR A 282 -5.62 -18.43 -25.42
CA THR A 282 -5.64 -17.29 -26.32
C THR A 282 -6.25 -16.09 -25.61
N GLU A 283 -6.02 -14.90 -26.15
CA GLU A 283 -6.60 -13.71 -25.54
C GLU A 283 -8.13 -13.75 -25.63
N SER A 284 -8.66 -14.24 -26.76
CA SER A 284 -10.11 -14.38 -26.88
C SER A 284 -10.67 -15.35 -25.86
N GLN A 285 -9.97 -16.47 -25.61
CA GLN A 285 -10.43 -17.39 -24.59
C GLN A 285 -10.52 -16.68 -23.25
N LEU A 286 -9.49 -15.91 -22.90
CA LEU A 286 -9.50 -15.26 -21.60
C LEU A 286 -10.57 -14.18 -21.54
N GLN A 287 -10.79 -13.48 -22.65
CA GLN A 287 -11.82 -12.43 -22.66
C GLN A 287 -13.22 -13.02 -22.50
N SER A 288 -13.47 -14.20 -23.07
CA SER A 288 -14.80 -14.78 -22.96
C SER A 288 -15.10 -15.22 -21.54
N HIS A 289 -14.07 -15.60 -20.77
CA HIS A 289 -14.28 -16.06 -19.39
C HIS A 289 -14.38 -14.91 -18.41
N PHE A 290 -13.66 -13.80 -18.65
CA PHE A 290 -13.46 -12.74 -17.64
C PHE A 290 -13.74 -11.35 -18.18
N GLY A 291 -14.28 -11.22 -19.38
CA GLY A 291 -14.56 -9.92 -19.95
C GLY A 291 -13.38 -9.37 -20.74
N GLU A 292 -13.70 -8.41 -21.61
CA GLU A 292 -12.72 -7.86 -22.53
C GLU A 292 -11.50 -7.30 -21.78
N LYS A 293 -11.76 -6.50 -20.76
CA LYS A 293 -10.68 -5.77 -20.10
C LYS A 293 -9.82 -6.71 -19.26
N ASN A 294 -10.45 -7.52 -18.40
CA ASN A 294 -9.72 -8.49 -17.60
C ASN A 294 -9.01 -9.52 -18.47
N GLY A 295 -9.66 -9.95 -19.56
CA GLY A 295 -9.06 -10.98 -20.39
C GLY A 295 -7.80 -10.51 -21.10
N SER A 296 -7.88 -9.34 -21.72
CA SER A 296 -6.70 -8.69 -22.29
C SER A 296 -5.62 -8.47 -21.24
N TRP A 297 -6.01 -7.99 -20.06
CA TRP A 297 -5.04 -7.70 -19.02
C TRP A 297 -4.32 -8.98 -18.60
N LEU A 298 -5.07 -10.09 -18.48
CA LEU A 298 -4.48 -11.33 -18.04
C LEU A 298 -3.55 -11.90 -19.10
N TYR A 299 -3.96 -11.83 -20.36
CA TYR A 299 -3.14 -12.31 -21.47
C TYR A 299 -1.78 -11.60 -21.48
N ALA A 300 -1.76 -10.29 -21.24
CA ALA A 300 -0.49 -9.57 -21.20
C ALA A 300 0.25 -9.79 -19.88
N MET A 301 -0.46 -9.79 -18.76
CA MET A 301 0.23 -9.85 -17.46
C MET A 301 1.04 -11.13 -17.30
N CYS A 302 0.50 -12.26 -17.74
CA CYS A 302 1.20 -13.52 -17.54
C CYS A 302 2.44 -13.64 -18.41
N ARG A 303 2.61 -12.75 -19.40
CA ARG A 303 3.87 -12.62 -20.11
C ARG A 303 4.74 -11.50 -19.51
N GLY A 304 4.36 -10.98 -18.33
CA GLY A 304 5.12 -9.93 -17.68
C GLY A 304 4.85 -8.54 -18.20
N ILE A 305 3.71 -8.32 -18.87
CA ILE A 305 3.43 -7.05 -19.52
C ILE A 305 2.22 -6.41 -18.86
N GLU A 306 2.37 -5.15 -18.45
CA GLU A 306 1.28 -4.40 -17.83
C GLU A 306 1.54 -2.91 -18.07
N HIS A 307 0.47 -2.13 -18.30
CA HIS A 307 0.64 -0.76 -18.80
C HIS A 307 0.13 0.33 -17.86
N ASP A 308 -0.41 0.00 -16.69
CA ASP A 308 -0.91 0.99 -15.76
C ASP A 308 0.17 2.06 -15.49
N PRO A 309 -0.08 3.34 -15.79
CA PRO A 309 0.98 4.34 -15.60
C PRO A 309 1.17 4.69 -14.14
N VAL A 310 2.41 5.04 -13.80
CA VAL A 310 2.67 5.72 -12.54
C VAL A 310 2.05 7.11 -12.61
N LYS A 311 1.06 7.34 -11.77
CA LYS A 311 0.30 8.57 -11.81
C LYS A 311 1.06 9.66 -11.08
N PRO A 312 1.32 10.79 -11.70
CA PRO A 312 2.03 11.86 -10.99
C PRO A 312 1.12 12.48 -9.94
N ARG A 313 0.98 11.80 -8.79
CA ARG A 313 -0.08 12.10 -7.81
C ARG A 313 0.43 11.68 -6.43
N GLN A 314 0.93 12.64 -5.66
CA GLN A 314 1.43 12.40 -4.32
C GLN A 314 0.38 12.63 -3.23
N LEU A 315 -0.84 13.05 -3.61
CA LEU A 315 -1.87 13.37 -2.64
C LEU A 315 -3.14 12.56 -2.88
N PRO A 316 -3.85 12.19 -1.81
CA PRO A 316 -5.13 11.49 -1.98
C PRO A 316 -6.17 12.34 -2.68
N LYS A 317 -7.23 11.67 -3.16
CA LYS A 317 -8.34 12.28 -3.90
C LYS A 317 -9.59 12.48 -3.04
N THR A 318 -9.70 11.74 -1.95
CA THR A 318 -10.77 11.87 -0.99
C THR A 318 -10.12 11.94 0.38
N ILE A 319 -10.84 12.53 1.33
CA ILE A 319 -10.48 12.43 2.75
C ILE A 319 -11.71 11.95 3.49
N GLY A 320 -11.56 10.84 4.20
CA GLY A 320 -12.69 10.17 4.82
C GLY A 320 -12.41 9.83 6.25
N CYS A 321 -13.49 9.72 7.03
CA CYS A 321 -13.44 9.37 8.43
C CYS A 321 -14.56 8.37 8.69
N SER A 322 -14.20 7.16 9.10
CA SER A 322 -15.18 6.16 9.45
C SER A 322 -14.86 5.59 10.82
N LYS A 323 -15.89 5.05 11.47
CA LYS A 323 -15.69 4.26 12.66
C LYS A 323 -16.70 3.13 12.66
N ASN A 324 -16.30 1.99 13.18
CA ASN A 324 -17.17 0.84 13.32
C ASN A 324 -17.70 0.76 14.75
N PHE A 325 -18.90 0.19 14.89
CA PHE A 325 -19.54 0.00 16.19
C PHE A 325 -20.04 -1.44 16.26
N PRO A 326 -19.12 -2.39 16.43
CA PRO A 326 -19.48 -3.81 16.34
C PRO A 326 -20.06 -4.32 17.64
N GLY A 327 -20.86 -5.38 17.52
CA GLY A 327 -21.41 -6.05 18.67
C GLY A 327 -22.49 -5.23 19.35
N LYS A 328 -22.53 -5.35 20.68
CA LYS A 328 -23.48 -4.61 21.51
C LYS A 328 -23.21 -3.10 21.49
N THR A 329 -22.06 -2.68 20.97
CA THR A 329 -21.77 -1.25 20.89
C THR A 329 -22.46 -0.56 19.72
N ALA A 330 -23.29 -1.27 18.96
CA ALA A 330 -24.00 -0.67 17.84
C ALA A 330 -24.88 0.48 18.32
N LEU A 331 -24.86 1.58 17.57
CA LEU A 331 -25.63 2.75 17.95
C LEU A 331 -27.12 2.48 17.79
N ALA A 332 -27.91 2.79 18.83
CA ALA A 332 -29.32 2.43 18.89
C ALA A 332 -30.25 3.59 19.21
N THR A 333 -29.72 4.79 19.46
CA THR A 333 -30.54 5.95 19.77
C THR A 333 -30.18 7.08 18.82
N ARG A 334 -31.13 7.99 18.62
CA ARG A 334 -30.92 9.10 17.70
C ARG A 334 -29.73 9.94 18.15
N GLU A 335 -29.68 10.28 19.44
CA GLU A 335 -28.66 11.21 19.90
C GLU A 335 -27.27 10.56 19.96
N GLN A 336 -27.21 9.23 20.00
CA GLN A 336 -25.94 8.52 19.79
C GLN A 336 -25.42 8.73 18.37
N VAL A 337 -26.29 8.52 17.39
CA VAL A 337 -25.90 8.69 16.01
C VAL A 337 -25.42 10.12 15.77
N GLN A 338 -26.18 11.09 16.24
CA GLN A 338 -25.78 12.49 16.08
C GLN A 338 -24.42 12.77 16.71
N TRP A 339 -24.18 12.23 17.91
CA TRP A 339 -22.92 12.54 18.62
C TRP A 339 -21.72 11.97 17.89
N TRP A 340 -21.80 10.73 17.40
CA TRP A 340 -20.68 10.15 16.68
C TRP A 340 -20.51 10.78 15.30
N LEU A 341 -21.60 11.15 14.64
CA LEU A 341 -21.46 11.90 13.38
C LEU A 341 -20.68 13.18 13.62
N LEU A 342 -20.98 13.89 14.72
CA LEU A 342 -20.23 15.09 15.07
C LEU A 342 -18.76 14.78 15.36
N GLN A 343 -18.47 13.65 16.03
CA GLN A 343 -17.08 13.28 16.28
C GLN A 343 -16.33 13.04 14.96
N LEU A 344 -16.99 12.36 14.01
CA LEU A 344 -16.38 12.14 12.71
C LEU A 344 -16.28 13.44 11.91
N ALA A 345 -17.33 14.26 11.95
CA ALA A 345 -17.30 15.53 11.24
C ALA A 345 -16.20 16.45 11.77
N GLN A 346 -15.93 16.42 13.08
CA GLN A 346 -14.89 17.28 13.65
C GLN A 346 -13.49 16.86 13.24
N GLU A 347 -13.21 15.55 13.26
CA GLU A 347 -11.92 15.09 12.78
C GLU A 347 -11.77 15.41 11.30
N LEU A 348 -12.83 15.18 10.53
CA LEU A 348 -12.83 15.55 9.13
C LEU A 348 -12.52 17.03 8.95
N GLU A 349 -13.16 17.89 9.76
CA GLU A 349 -12.95 19.33 9.64
C GLU A 349 -11.48 19.67 9.84
N GLU A 350 -10.87 19.08 10.87
CA GLU A 350 -9.46 19.30 11.14
C GLU A 350 -8.60 18.99 9.92
N ARG A 351 -8.87 17.85 9.27
CA ARG A 351 -8.05 17.41 8.15
C ARG A 351 -8.35 18.20 6.87
N LEU A 352 -9.60 18.61 6.66
CA LEU A 352 -9.91 19.43 5.50
C LEU A 352 -9.20 20.77 5.55
N THR A 353 -9.23 21.44 6.71
CA THR A 353 -8.61 22.77 6.83
C THR A 353 -7.10 22.69 6.64
N LYS A 354 -6.48 21.69 7.25
CA LYS A 354 -5.06 21.40 7.03
C LYS A 354 -4.78 21.14 5.56
N ASP A 355 -5.72 20.50 4.85
CA ASP A 355 -5.53 20.22 3.42
C ASP A 355 -5.75 21.48 2.58
N ARG A 356 -6.65 22.37 2.98
CA ARG A 356 -6.86 23.61 2.24
C ARG A 356 -5.71 24.58 2.41
N ASN A 357 -5.00 24.51 3.55
CA ASN A 357 -3.83 25.37 3.77
C ASN A 357 -2.58 24.84 3.08
N ASP A 358 -2.34 23.53 3.15
CA ASP A 358 -1.12 22.96 2.60
C ASP A 358 -1.20 22.87 1.08
N ASN A 359 -2.27 22.25 0.56
CA ASN A 359 -2.30 21.80 -0.83
C ASN A 359 -3.30 22.58 -1.69
N ASP A 360 -3.77 23.73 -1.21
CA ASP A 360 -4.47 24.72 -2.05
C ASP A 360 -5.66 24.11 -2.80
N ARG A 361 -6.58 23.51 -2.03
CA ARG A 361 -7.76 22.86 -2.60
C ARG A 361 -8.91 22.91 -1.59
N VAL A 362 -10.15 22.89 -2.10
CA VAL A 362 -11.35 22.74 -1.28
C VAL A 362 -12.23 21.62 -1.84
N ALA A 363 -12.73 20.76 -0.94
CA ALA A 363 -13.66 19.70 -1.33
C ALA A 363 -15.07 20.26 -1.43
N THR A 364 -15.87 19.68 -2.32
CA THR A 364 -17.19 20.22 -2.63
C THR A 364 -18.36 19.26 -2.42
N GLN A 365 -18.12 17.99 -2.10
CA GLN A 365 -19.19 17.03 -1.94
C GLN A 365 -18.94 16.20 -0.68
N LEU A 366 -20.00 15.95 0.08
CA LEU A 366 -19.89 15.16 1.30
C LEU A 366 -20.62 13.85 1.09
N VAL A 367 -19.90 12.75 1.28
CA VAL A 367 -20.44 11.40 1.16
C VAL A 367 -20.67 10.85 2.55
N VAL A 368 -21.85 10.30 2.77
CA VAL A 368 -22.23 9.70 4.05
C VAL A 368 -22.59 8.24 3.78
N SER A 369 -21.99 7.34 4.54
CA SER A 369 -22.29 5.92 4.46
C SER A 369 -22.54 5.36 5.86
N ILE A 370 -23.49 4.44 5.95
CA ILE A 370 -23.83 3.79 7.21
C ILE A 370 -23.84 2.28 6.97
N ARG A 371 -23.68 1.53 8.05
CA ARG A 371 -23.87 0.09 8.05
C ARG A 371 -24.92 -0.24 9.10
N VAL A 372 -25.76 -1.20 8.77
CA VAL A 372 -26.89 -1.58 9.61
C VAL A 372 -26.60 -2.96 10.16
N GLN A 373 -26.88 -3.16 11.45
CA GLN A 373 -26.65 -4.44 12.08
C GLN A 373 -27.46 -5.54 11.40
N GLY A 374 -26.76 -6.56 10.92
CA GLY A 374 -27.35 -7.66 10.18
C GLY A 374 -26.94 -7.68 8.73
N ASP A 375 -26.61 -6.53 8.15
CA ASP A 375 -26.20 -6.47 6.77
C ASP A 375 -24.83 -7.12 6.61
N LYS A 376 -24.53 -7.53 5.38
CA LYS A 376 -23.41 -8.43 5.11
C LYS A 376 -22.15 -7.70 4.70
N ARG A 377 -22.27 -6.47 4.20
CA ARG A 377 -21.26 -5.88 3.34
C ARG A 377 -20.62 -4.67 4.00
N LEU A 378 -19.44 -4.30 3.48
CA LEU A 378 -18.71 -3.14 3.99
C LEU A 378 -19.66 -1.96 4.25
N SER A 379 -20.40 -1.55 3.23
CA SER A 379 -21.37 -0.49 3.36
C SER A 379 -22.76 -1.02 3.08
N SER A 380 -23.74 -0.47 3.80
CA SER A 380 -25.14 -0.73 3.53
C SER A 380 -25.74 0.28 2.58
N LEU A 381 -25.26 1.53 2.61
CA LEU A 381 -25.95 2.64 1.98
C LEU A 381 -25.03 3.85 1.83
N ARG A 382 -25.06 4.51 0.67
CA ARG A 382 -24.22 5.66 0.40
C ARG A 382 -25.07 6.82 -0.10
N ARG A 383 -24.95 7.97 0.57
CA ARG A 383 -25.61 9.18 0.14
C ARG A 383 -24.63 10.33 0.11
N CYS A 384 -24.96 11.35 -0.68
CA CYS A 384 -24.09 12.51 -0.85
C CYS A 384 -24.88 13.79 -0.62
N CYS A 385 -24.16 14.88 -0.40
CA CYS A 385 -24.74 16.21 -0.31
C CYS A 385 -23.60 17.21 -0.48
N ALA A 386 -23.96 18.48 -0.57
CA ALA A 386 -22.95 19.51 -0.82
C ALA A 386 -22.11 19.76 0.42
N LEU A 387 -20.84 20.09 0.19
CA LEU A 387 -19.92 20.51 1.24
C LEU A 387 -19.49 21.93 0.91
N THR A 388 -20.19 22.91 1.51
CA THR A 388 -19.96 24.32 1.19
C THR A 388 -19.20 25.06 2.29
N ARG A 389 -19.11 24.49 3.49
CA ARG A 389 -18.32 25.09 4.55
C ARG A 389 -17.67 23.99 5.36
N TYR A 390 -16.38 24.15 5.64
CA TYR A 390 -15.63 23.25 6.51
C TYR A 390 -16.07 23.53 7.95
N ASP A 391 -17.27 23.04 8.29
CA ASP A 391 -17.87 23.28 9.58
C ASP A 391 -18.50 22.00 10.11
N ALA A 392 -17.97 21.51 11.23
CA ALA A 392 -18.32 20.18 11.74
C ALA A 392 -19.80 20.07 12.08
N HIS A 393 -20.38 21.10 12.70
CA HIS A 393 -21.77 20.98 13.09
C HIS A 393 -22.70 20.98 11.87
N LYS A 394 -22.42 21.83 10.89
CA LYS A 394 -23.20 21.75 9.66
C LYS A 394 -22.96 20.43 8.93
N MET A 395 -21.70 19.99 8.88
CA MET A 395 -21.41 18.72 8.21
C MET A 395 -22.17 17.57 8.85
N SER A 396 -22.07 17.44 10.18
CA SER A 396 -22.75 16.35 10.87
C SER A 396 -24.27 16.51 10.79
N HIS A 397 -24.75 17.75 10.85
CA HIS A 397 -26.18 17.99 10.69
C HIS A 397 -26.66 17.54 9.31
N ASP A 398 -25.89 17.92 8.27
CA ASP A 398 -26.20 17.47 6.91
C ASP A 398 -26.11 15.96 6.79
N ALA A 399 -25.10 15.36 7.43
CA ALA A 399 -24.97 13.90 7.34
C ALA A 399 -26.18 13.22 7.95
N PHE A 400 -26.62 13.70 9.12
CA PHE A 400 -27.82 13.13 9.72
C PHE A 400 -29.04 13.31 8.82
N THR A 401 -29.14 14.47 8.17
CA THR A 401 -30.32 14.78 7.37
C THR A 401 -30.53 13.76 6.25
N VAL A 402 -29.45 13.41 5.54
CA VAL A 402 -29.58 12.49 4.41
C VAL A 402 -29.63 11.03 4.80
N ILE A 403 -29.44 10.70 6.08
CA ILE A 403 -29.55 9.31 6.55
C ILE A 403 -30.71 9.09 7.51
N LYS A 404 -31.35 10.16 7.99
CA LYS A 404 -32.35 10.03 9.05
C LYS A 404 -33.55 9.19 8.64
N ASN A 405 -33.89 9.16 7.34
CA ASN A 405 -35.00 8.37 6.85
C ASN A 405 -34.65 6.89 6.67
N CYS A 406 -33.40 6.49 6.89
CA CYS A 406 -33.08 5.08 6.98
C CYS A 406 -33.56 4.46 8.27
N ASN A 407 -33.97 5.29 9.23
CA ASN A 407 -34.40 4.82 10.54
C ASN A 407 -35.73 4.09 10.39
N THR A 408 -35.68 2.75 10.43
CA THR A 408 -36.89 1.94 10.32
C THR A 408 -37.85 2.25 11.46
N SER A 409 -37.33 2.53 12.64
CA SER A 409 -38.15 2.69 13.84
C SER A 409 -39.15 3.84 13.69
N GLY A 410 -40.37 3.62 14.19
CA GLY A 410 -41.36 4.67 14.22
C GLY A 410 -41.16 5.68 15.34
N ILE A 411 -40.44 5.30 16.40
CA ILE A 411 -40.09 6.24 17.45
C ILE A 411 -39.22 7.36 16.86
N GLN A 412 -39.29 8.53 17.49
CA GLN A 412 -38.44 9.64 17.09
C GLN A 412 -37.06 9.58 17.74
N THR A 413 -36.96 9.05 18.97
CA THR A 413 -35.73 9.07 19.76
C THR A 413 -34.92 7.79 19.64
N GLU A 414 -35.48 6.71 19.11
CA GLU A 414 -34.75 5.46 18.95
C GLU A 414 -34.25 5.33 17.53
N TRP A 415 -33.25 4.47 17.35
CA TRP A 415 -32.73 4.17 16.02
C TRP A 415 -32.74 2.65 15.82
N SER A 416 -33.62 2.18 14.95
CA SER A 416 -33.59 0.80 14.51
C SER A 416 -33.58 0.74 12.99
N PRO A 417 -32.83 -0.19 12.39
CA PRO A 417 -31.97 -1.14 13.11
C PRO A 417 -30.63 -0.51 13.51
N PRO A 418 -30.02 -1.02 14.57
CA PRO A 418 -28.81 -0.38 15.11
C PRO A 418 -27.71 -0.26 14.07
N LEU A 419 -26.95 0.83 14.15
CA LEU A 419 -25.92 1.14 13.17
C LEU A 419 -24.59 0.54 13.60
N THR A 420 -23.96 -0.23 12.70
CA THR A 420 -22.65 -0.81 12.98
C THR A 420 -21.52 -0.08 12.30
N MET A 421 -21.80 0.98 11.54
CA MET A 421 -20.72 1.76 10.94
C MET A 421 -21.26 3.11 10.51
N LEU A 422 -20.47 4.16 10.77
CA LEU A 422 -20.69 5.51 10.28
C LEU A 422 -19.48 5.93 9.45
N PHE A 423 -19.74 6.71 8.40
CA PHE A 423 -18.69 7.05 7.43
C PHE A 423 -18.99 8.42 6.84
N LEU A 424 -18.04 9.33 6.92
CA LEU A 424 -18.09 10.64 6.26
C LEU A 424 -16.89 10.78 5.35
N CYS A 425 -17.13 11.23 4.12
CA CYS A 425 -16.05 11.36 3.14
C CYS A 425 -16.17 12.65 2.35
N ALA A 426 -15.11 13.45 2.36
CA ALA A 426 -15.03 14.64 1.52
C ALA A 426 -14.44 14.27 0.16
N THR A 427 -15.08 14.74 -0.90
CA THR A 427 -14.74 14.35 -2.27
C THR A 427 -14.86 15.57 -3.20
N LYS A 428 -14.61 15.33 -4.49
CA LYS A 428 -14.75 16.33 -5.55
C LYS A 428 -14.05 17.65 -5.20
N PHE A 429 -12.72 17.58 -5.19
CA PHE A 429 -11.90 18.73 -4.84
C PHE A 429 -11.78 19.70 -6.02
N SER A 430 -11.61 20.98 -5.69
CA SER A 430 -11.40 22.06 -6.64
C SER A 430 -10.19 22.87 -6.19
N ALA A 431 -9.45 23.41 -7.16
CA ALA A 431 -8.28 24.23 -6.83
C ALA A 431 -8.69 25.46 -6.03
N SER A 432 -7.89 25.80 -5.02
CA SER A 432 -8.19 26.95 -4.16
C SER A 432 -7.01 27.90 -4.02
#